data_4NFG
#
_entry.id   4NFG
#
_cell.length_a   44.890
_cell.length_b   87.700
_cell.length_c   104.740
_cell.angle_alpha   90.00
_cell.angle_beta   90.00
_cell.angle_gamma   90.00
#
_symmetry.space_group_name_H-M   'P 21 21 21'
#
loop_
_entity.id
_entity.type
_entity.pdbx_description
1 polymer 'Cytochrome c peroxidase, mitochondrial'
2 polymer 'Cytochrome c'
3 non-polymer 'PROTOPORPHYRIN IX CONTAINING FE'
4 non-polymer 'UNKNOWN ATOM OR ION'
5 non-polymer 'HEME C'
6 water water
#
loop_
_entity_poly.entity_id
_entity_poly.type
_entity_poly.pdbx_seq_one_letter_code
_entity_poly.pdbx_strand_id
1 'polypeptide(L)'
;MKTLVHVASVEKGRSYEDFQKVYNAIALKLREDDEYDNYIGYGPVLVRLAWHTSGTWDKHDNTGGSYGGTYRFKKEFNDP
SNAGLQNGFKFLEPIHKEFPWISSGDLFSLGGVTAVQEMQGPKIPWRAGRVDTPEDTTPDNGRLPDADKDADYVRTFFQR
LNMNDREVVALMGAHALGKTHLKNSGYEGPWGAANNVFTNEFYLNLLNEDWKLEKNDANNEQWDSKSGYMMLPTDYSLIQ
DPKYLSIVKEYANDQDKFFKDFSKAFEKLLENGITFPKDAPSPFIFKTLEEQGL
;
A
2 'polypeptide(L)'
;GDVEKGKKIFVQRCAQCHTVEKGGKNKTGPNLNGLFGRKTGQAPGFTYTDANKNKGITWKEETLMEYLENPKKYIPGTKM
IFAGIKKKTEREDLIAYLKKATNE
;
B
#
loop_
_chem_comp.id
_chem_comp.type
_chem_comp.name
_chem_comp.formula
HEC non-polymer 'HEME C' 'C34 H34 Fe N4 O4'
HEM non-polymer 'PROTOPORPHYRIN IX CONTAINING FE' 'C34 H32 Fe N4 O4'
UNX non-polymer 'UNKNOWN ATOM OR ION' ?
#
# COMPACT_ATOMS: atom_id res chain seq x y z
N LYS A 2 -19.08 -34.13 -2.96
CA LYS A 2 -18.88 -33.81 -1.49
C LYS A 2 -18.37 -32.37 -1.29
N THR A 3 -18.97 -31.37 -1.93
CA THR A 3 -18.24 -30.08 -2.02
C THR A 3 -18.03 -29.36 -0.67
N LEU A 4 -16.80 -28.96 -0.49
CA LEU A 4 -16.39 -28.14 0.64
C LEU A 4 -17.10 -26.78 0.70
N VAL A 5 -17.88 -26.55 1.75
CA VAL A 5 -18.56 -25.26 2.02
C VAL A 5 -18.08 -24.59 3.33
N HIS A 6 -17.83 -23.28 3.27
CA HIS A 6 -17.40 -22.53 4.44
C HIS A 6 -18.49 -21.49 4.68
N VAL A 7 -19.32 -21.72 5.70
CA VAL A 7 -20.42 -20.81 6.09
C VAL A 7 -19.87 -19.75 7.07
N ALA A 8 -20.00 -18.48 6.69
CA ALA A 8 -19.63 -17.39 7.55
C ALA A 8 -20.42 -17.43 8.85
N SER A 9 -19.73 -17.19 9.95
CA SER A 9 -20.35 -17.27 11.24
C SER A 9 -19.77 -16.14 12.04
N VAL A 10 -20.53 -15.06 12.23
CA VAL A 10 -20.01 -13.89 12.92
C VAL A 10 -19.65 -14.20 14.35
N GLU A 11 -18.52 -13.66 14.78
CA GLU A 11 -18.08 -13.73 16.16
C GLU A 11 -19.22 -13.33 17.11
N LYS A 12 -19.51 -14.19 18.08
CA LYS A 12 -20.76 -14.09 18.80
C LYS A 12 -20.92 -12.75 19.50
N GLY A 13 -22.09 -12.15 19.30
CA GLY A 13 -22.49 -10.87 19.91
C GLY A 13 -21.74 -9.66 19.38
N ARG A 14 -21.02 -9.80 18.27
CA ARG A 14 -20.16 -8.68 17.80
C ARG A 14 -20.76 -8.04 16.58
N SER A 15 -20.66 -6.73 16.48
CA SER A 15 -21.25 -6.08 15.34
C SER A 15 -20.41 -4.88 15.01
N TYR A 16 -20.99 -3.92 14.27
CA TYR A 16 -20.23 -2.90 13.63
C TYR A 16 -19.27 -2.26 14.60
N GLU A 17 -19.74 -1.87 15.80
CA GLU A 17 -18.87 -1.08 16.68
C GLU A 17 -17.66 -1.87 17.13
N ASP A 18 -17.83 -3.16 17.36
CA ASP A 18 -16.68 -4.01 17.71
C ASP A 18 -15.63 -3.99 16.58
N PHE A 19 -16.08 -4.16 15.35
CA PHE A 19 -15.12 -4.28 14.28
C PHE A 19 -14.47 -2.93 14.04
N GLN A 20 -15.19 -1.83 14.27
CA GLN A 20 -14.62 -0.48 14.14
C GLN A 20 -13.48 -0.24 15.15
N LYS A 21 -13.56 -0.85 16.34
CA LYS A 21 -12.47 -0.67 17.33
C LYS A 21 -11.26 -1.43 16.86
N VAL A 22 -11.49 -2.61 16.29
CA VAL A 22 -10.37 -3.39 15.76
C VAL A 22 -9.68 -2.58 14.67
N TYR A 23 -10.48 -2.03 13.76
CA TYR A 23 -9.99 -1.15 12.72
C TYR A 23 -9.16 -0.03 13.34
N ASN A 24 -9.76 0.67 14.29
CA ASN A 24 -9.07 1.79 14.93
C ASN A 24 -7.77 1.38 15.61
N ALA A 25 -7.72 0.22 16.26
CA ALA A 25 -6.49 -0.26 16.93
C ALA A 25 -5.42 -0.55 15.88
N ILE A 26 -5.82 -1.20 14.78
CA ILE A 26 -4.90 -1.39 13.66
C ILE A 26 -4.39 -0.03 13.15
N ALA A 27 -5.33 0.90 12.92
CA ALA A 27 -5.00 2.20 12.31
C ALA A 27 -4.07 3.08 13.18
N LEU A 28 -4.24 2.96 14.49
CA LEU A 28 -3.41 3.72 15.38
C LEU A 28 -2.03 3.14 15.43
N LYS A 29 -1.91 1.82 15.39
CA LYS A 29 -0.57 1.18 15.40
C LYS A 29 0.16 1.55 14.11
N LEU A 30 -0.56 1.46 13.02
CA LEU A 30 -0.09 1.86 11.70
C LEU A 30 0.51 3.26 11.71
N ARG A 31 -0.19 4.21 12.32
CA ARG A 31 0.34 5.60 12.38
C ARG A 31 1.56 5.66 13.31
N GLU A 32 1.50 4.96 14.41
CA GLU A 32 2.57 4.99 15.41
C GLU A 32 3.90 4.39 14.94
N ASP A 33 3.85 3.22 14.29
CA ASP A 33 5.04 2.49 13.93
C ASP A 33 5.46 2.96 12.55
N ASP A 34 5.82 4.22 12.46
CA ASP A 34 6.06 4.86 11.18
C ASP A 34 7.43 4.54 10.64
N GLU A 35 8.35 4.08 11.50
CA GLU A 35 9.70 3.82 11.05
C GLU A 35 9.86 2.62 10.17
N TYR A 36 9.03 1.59 10.34
CA TYR A 36 9.20 0.32 9.61
C TYR A 36 9.54 0.46 8.13
N ASP A 37 10.55 -0.32 7.69
CA ASP A 37 10.97 -0.43 6.29
C ASP A 37 11.33 0.91 5.72
N ASN A 38 12.31 1.56 6.37
CA ASN A 38 12.77 2.89 5.93
C ASN A 38 11.61 3.88 5.73
N TYR A 39 10.75 3.91 6.72
CA TYR A 39 9.65 4.90 6.81
C TYR A 39 8.48 4.75 5.83
N ILE A 40 8.43 3.62 5.14
CA ILE A 40 7.25 3.25 4.40
C ILE A 40 6.13 2.97 5.38
N GLY A 41 6.44 2.35 6.52
CA GLY A 41 5.41 1.98 7.48
C GLY A 41 4.78 0.65 7.08
N TYR A 42 3.84 0.18 7.92
CA TYR A 42 3.29 -1.14 7.79
C TYR A 42 2.16 -1.28 6.76
N GLY A 43 1.72 -0.22 6.13
CA GLY A 43 0.52 -0.31 5.34
C GLY A 43 0.63 -1.31 4.17
N PRO A 44 1.69 -1.17 3.34
CA PRO A 44 1.87 -2.13 2.21
C PRO A 44 1.97 -3.60 2.58
N VAL A 45 2.76 -3.95 3.58
CA VAL A 45 2.91 -5.34 3.98
C VAL A 45 1.58 -5.88 4.52
N LEU A 46 0.76 -5.05 5.20
CA LEU A 46 -0.63 -5.48 5.59
C LEU A 46 -1.53 -5.74 4.38
N VAL A 47 -1.41 -4.93 3.37
CA VAL A 47 -2.20 -5.14 2.19
C VAL A 47 -1.73 -6.44 1.51
N ARG A 48 -0.43 -6.64 1.41
CA ARG A 48 0.09 -7.88 0.86
C ARG A 48 -0.34 -9.13 1.61
N LEU A 49 -0.33 -9.08 2.94
CA LEU A 49 -0.73 -10.15 3.79
C LEU A 49 -2.21 -10.51 3.57
N ALA A 50 -3.09 -9.52 3.55
CA ALA A 50 -4.48 -9.71 3.20
C ALA A 50 -4.63 -10.46 1.87
N TRP A 51 -3.94 -9.99 0.84
CA TRP A 51 -4.02 -10.68 -0.47
C TRP A 51 -3.46 -12.12 -0.49
N HIS A 52 -2.28 -12.33 0.07
CA HIS A 52 -1.68 -13.67 0.10
C HIS A 52 -2.42 -14.67 0.97
N THR A 53 -3.14 -14.23 2.00
CA THR A 53 -3.94 -15.13 2.83
C THR A 53 -5.25 -15.50 2.12
N SER A 54 -5.69 -14.64 1.22
CA SER A 54 -6.90 -14.89 0.43
C SER A 54 -6.56 -15.56 -0.89
N GLY A 55 -5.37 -15.32 -1.40
CA GLY A 55 -5.02 -15.69 -2.78
C GLY A 55 -4.64 -17.13 -3.04
N THR A 56 -4.57 -17.93 -1.98
CA THR A 56 -4.49 -19.37 -2.08
C THR A 56 -5.77 -20.09 -2.57
N TRP A 57 -6.90 -19.38 -2.66
CA TRP A 57 -8.16 -20.01 -3.04
C TRP A 57 -8.08 -20.72 -4.41
N ASP A 58 -8.67 -21.90 -4.50
CA ASP A 58 -8.90 -22.59 -5.76
C ASP A 58 -10.39 -22.74 -5.92
N LYS A 59 -10.97 -21.92 -6.81
CA LYS A 59 -12.41 -21.93 -7.06
C LYS A 59 -13.01 -23.31 -7.44
N HIS A 60 -12.19 -24.19 -7.97
CA HIS A 60 -12.66 -25.47 -8.48
C HIS A 60 -13.00 -26.48 -7.39
N ASP A 61 -12.28 -26.46 -6.26
CA ASP A 61 -12.63 -27.33 -5.12
C ASP A 61 -12.82 -26.59 -3.78
N ASN A 62 -12.77 -25.25 -3.82
CA ASN A 62 -12.82 -24.42 -2.62
C ASN A 62 -11.75 -24.66 -1.56
N THR A 63 -10.57 -25.12 -1.95
CA THR A 63 -9.46 -25.24 -1.06
C THR A 63 -8.83 -23.83 -0.92
N GLY A 64 -8.08 -23.64 0.16
CA GLY A 64 -7.45 -22.37 0.44
C GLY A 64 -8.48 -21.29 0.75
N GLY A 65 -8.16 -20.03 0.36
CA GLY A 65 -9.03 -18.87 0.68
C GLY A 65 -8.84 -18.24 2.07
N SER A 66 -9.42 -17.05 2.26
CA SER A 66 -9.32 -16.29 3.55
C SER A 66 -10.00 -16.90 4.79
N TYR A 67 -10.97 -17.78 4.57
CA TYR A 67 -11.87 -18.22 5.66
C TYR A 67 -11.13 -18.85 6.85
N GLY A 68 -10.28 -19.82 6.57
CA GLY A 68 -9.65 -20.55 7.64
C GLY A 68 -8.52 -19.88 8.41
N GLY A 69 -8.00 -18.76 7.93
CA GLY A 69 -6.84 -18.11 8.56
C GLY A 69 -5.65 -19.04 8.77
N THR A 70 -5.32 -19.76 7.72
CA THR A 70 -4.35 -20.89 7.78
C THR A 70 -2.88 -20.41 7.78
N TYR A 71 -2.68 -19.14 7.53
CA TYR A 71 -1.34 -18.58 7.52
C TYR A 71 -0.72 -18.66 8.88
N ARG A 72 -1.55 -18.82 9.91
CA ARG A 72 -1.00 -19.08 11.23
C ARG A 72 -0.26 -20.41 11.33
N PHE A 73 -0.40 -21.33 10.37
CA PHE A 73 0.36 -22.55 10.45
C PHE A 73 1.71 -22.51 9.66
N LYS A 74 2.74 -23.15 10.21
CA LYS A 74 4.08 -23.10 9.68
C LYS A 74 4.11 -23.33 8.21
N LYS A 75 3.35 -24.31 7.72
CA LYS A 75 3.46 -24.64 6.30
C LYS A 75 3.23 -23.44 5.41
N GLU A 76 2.19 -22.70 5.71
CA GLU A 76 1.83 -21.53 4.95
C GLU A 76 2.70 -20.31 5.31
N PHE A 77 2.92 -20.12 6.61
CA PHE A 77 3.85 -19.08 7.12
C PHE A 77 5.20 -19.15 6.46
N ASN A 78 5.69 -20.37 6.22
CA ASN A 78 6.99 -20.57 5.59
C ASN A 78 6.95 -20.68 4.06
N ASP A 79 5.80 -20.50 3.42
CA ASP A 79 5.77 -20.49 1.95
C ASP A 79 6.83 -19.50 1.44
N PRO A 80 7.78 -19.97 0.62
CA PRO A 80 8.63 -18.99 -0.01
C PRO A 80 7.93 -17.75 -0.60
N SER A 81 6.74 -17.94 -1.13
CA SER A 81 5.96 -16.81 -1.72
C SER A 81 5.53 -15.75 -0.70
N ASN A 82 5.50 -16.13 0.56
CA ASN A 82 5.12 -15.27 1.67
C ASN A 82 6.31 -14.69 2.47
N ALA A 83 7.55 -14.87 2.00
CA ALA A 83 8.69 -14.29 2.77
C ALA A 83 8.52 -12.76 2.82
N GLY A 84 8.75 -12.19 4.01
CA GLY A 84 8.51 -10.78 4.28
C GLY A 84 7.19 -10.57 5.03
N LEU A 85 6.21 -11.43 4.84
CA LEU A 85 4.92 -11.19 5.48
C LEU A 85 4.94 -11.45 6.99
N GLN A 86 5.96 -12.17 7.46
CA GLN A 86 6.13 -12.32 8.93
C GLN A 86 6.02 -11.00 9.70
N ASN A 87 6.49 -9.94 9.08
CA ASN A 87 6.43 -8.62 9.68
C ASN A 87 5.02 -8.12 9.89
N GLY A 88 4.13 -8.44 8.95
CA GLY A 88 2.69 -8.10 9.07
C GLY A 88 2.04 -8.94 10.18
N PHE A 89 2.36 -10.23 10.22
CA PHE A 89 1.89 -11.11 11.30
C PHE A 89 2.31 -10.56 12.69
N LYS A 90 3.59 -10.21 12.84
CA LYS A 90 4.09 -9.59 14.08
C LYS A 90 3.33 -8.29 14.47
N PHE A 91 3.05 -7.44 13.49
CA PHE A 91 2.31 -6.21 13.68
C PHE A 91 0.93 -6.55 14.29
N LEU A 92 0.31 -7.59 13.75
CA LEU A 92 -1.03 -7.92 14.16
C LEU A 92 -1.06 -8.68 15.47
N GLU A 93 0.06 -9.16 15.96
CA GLU A 93 0.04 -9.96 17.16
C GLU A 93 -0.54 -9.19 18.38
N PRO A 94 -0.08 -7.96 18.64
CA PRO A 94 -0.67 -7.25 19.77
C PRO A 94 -2.14 -6.88 19.55
N ILE A 95 -2.55 -6.70 18.29
CA ILE A 95 -3.94 -6.49 17.99
C ILE A 95 -4.73 -7.76 18.32
N HIS A 96 -4.26 -8.94 17.89
CA HIS A 96 -4.96 -10.17 18.32
C HIS A 96 -4.97 -10.38 19.83
N LYS A 97 -3.92 -9.96 20.54
CA LYS A 97 -3.94 -10.08 22.01
C LYS A 97 -5.02 -9.17 22.58
N GLU A 98 -5.19 -7.98 21.99
CA GLU A 98 -6.24 -7.04 22.42
C GLU A 98 -7.65 -7.57 22.12
N PHE A 99 -7.81 -8.30 21.03
CA PHE A 99 -9.16 -8.84 20.65
C PHE A 99 -9.11 -10.32 20.40
N PRO A 100 -8.99 -11.15 21.48
CA PRO A 100 -8.89 -12.61 21.37
C PRO A 100 -10.19 -13.25 20.88
N TRP A 101 -11.25 -12.46 20.71
CA TRP A 101 -12.49 -12.97 20.18
C TRP A 101 -12.53 -12.99 18.64
N ILE A 102 -11.61 -12.28 17.97
CA ILE A 102 -11.68 -12.15 16.48
C ILE A 102 -10.94 -13.34 15.86
N SER A 103 -11.44 -13.81 14.71
CA SER A 103 -10.79 -14.93 14.02
C SER A 103 -9.59 -14.48 13.27
N SER A 104 -8.68 -15.40 12.98
CA SER A 104 -7.45 -15.02 12.26
C SER A 104 -7.78 -14.54 10.86
N GLY A 105 -8.73 -15.21 10.18
CA GLY A 105 -9.06 -14.77 8.81
C GLY A 105 -9.64 -13.38 8.82
N ASP A 106 -10.49 -13.11 9.81
CA ASP A 106 -11.11 -11.78 9.91
C ASP A 106 -10.02 -10.73 10.18
N LEU A 107 -9.04 -11.08 11.02
CA LEU A 107 -7.96 -10.15 11.35
C LEU A 107 -7.05 -9.87 10.15
N PHE A 108 -6.64 -10.92 9.42
CA PHE A 108 -5.74 -10.72 8.28
C PHE A 108 -6.42 -9.86 7.23
N SER A 109 -7.68 -10.21 6.91
CA SER A 109 -8.44 -9.51 5.87
C SER A 109 -8.72 -8.07 6.27
N LEU A 110 -9.13 -7.89 7.54
CA LEU A 110 -9.38 -6.54 8.03
C LEU A 110 -8.11 -5.64 8.05
N GLY A 111 -6.96 -6.24 8.28
CA GLY A 111 -5.74 -5.48 8.33
C GLY A 111 -5.54 -4.84 6.96
N GLY A 112 -5.83 -5.58 5.88
CA GLY A 112 -5.70 -5.06 4.53
C GLY A 112 -6.63 -3.90 4.24
N VAL A 113 -7.92 -4.09 4.60
CA VAL A 113 -8.91 -3.06 4.41
C VAL A 113 -8.40 -1.81 5.17
N THR A 114 -8.05 -1.98 6.42
CA THR A 114 -7.63 -0.86 7.25
C THR A 114 -6.47 -0.13 6.59
N ALA A 115 -5.44 -0.88 6.19
CA ALA A 115 -4.26 -0.28 5.56
C ALA A 115 -4.64 0.50 4.27
N VAL A 116 -5.48 -0.08 3.42
CA VAL A 116 -5.85 0.63 2.23
C VAL A 116 -6.55 1.93 2.57
N GLN A 117 -7.49 1.89 3.48
CA GLN A 117 -8.23 3.15 3.79
C GLN A 117 -7.30 4.16 4.44
N GLU A 118 -6.42 3.72 5.37
CA GLU A 118 -5.64 4.69 6.18
C GLU A 118 -4.58 5.36 5.27
N MET A 119 -4.23 4.70 4.16
CA MET A 119 -3.39 5.27 3.10
C MET A 119 -4.12 6.05 2.01
N GLN A 120 -5.37 6.32 2.31
CA GLN A 120 -6.23 7.21 1.58
C GLN A 120 -6.74 6.57 0.31
N GLY A 121 -6.72 5.24 0.29
CA GLY A 121 -7.38 4.51 -0.80
C GLY A 121 -8.90 4.59 -0.68
N PRO A 122 -9.62 3.90 -1.57
CA PRO A 122 -11.08 3.94 -1.44
C PRO A 122 -11.55 3.24 -0.21
N LYS A 123 -12.80 3.47 0.16
CA LYS A 123 -13.46 2.62 1.14
C LYS A 123 -13.65 1.23 0.56
N ILE A 124 -13.48 0.21 1.40
CA ILE A 124 -13.63 -1.15 1.04
C ILE A 124 -14.57 -1.84 2.04
N PRO A 125 -15.78 -2.19 1.59
CA PRO A 125 -16.71 -2.82 2.49
C PRO A 125 -16.15 -4.16 2.91
N TRP A 126 -16.46 -4.59 4.13
CA TRP A 126 -15.86 -5.79 4.69
C TRP A 126 -16.92 -6.55 5.51
N ARG A 127 -16.86 -7.87 5.48
CA ARG A 127 -17.83 -8.70 6.19
C ARG A 127 -17.06 -9.57 7.15
N ALA A 128 -17.62 -9.80 8.35
CA ALA A 128 -16.99 -10.66 9.36
C ALA A 128 -17.50 -12.07 9.20
N GLY A 129 -16.98 -13.01 9.97
CA GLY A 129 -17.52 -14.35 10.06
C GLY A 129 -16.62 -15.46 9.54
N ARG A 130 -15.40 -15.11 9.13
CA ARG A 130 -14.43 -16.13 8.81
C ARG A 130 -14.17 -16.89 10.08
N VAL A 131 -14.02 -18.23 9.98
CA VAL A 131 -13.81 -19.08 11.13
C VAL A 131 -12.52 -19.87 10.98
N ASP A 132 -11.66 -19.84 11.99
CA ASP A 132 -10.41 -20.60 11.94
C ASP A 132 -10.56 -22.13 11.69
N THR A 133 -9.74 -22.71 10.82
CA THR A 133 -9.87 -24.17 10.50
C THR A 133 -8.57 -24.83 10.92
N PRO A 134 -8.55 -26.18 11.15
CA PRO A 134 -7.36 -26.85 11.65
C PRO A 134 -6.17 -26.89 10.71
N GLU A 135 -5.05 -27.33 11.28
CA GLU A 135 -3.83 -27.32 10.55
C GLU A 135 -3.82 -28.12 9.27
N ASP A 136 -4.58 -29.23 9.23
CA ASP A 136 -4.64 -30.01 8.04
C ASP A 136 -5.49 -29.31 6.90
N THR A 137 -6.10 -28.17 7.16
CA THR A 137 -6.77 -27.45 6.10
C THR A 137 -5.84 -26.45 5.35
N THR A 138 -4.57 -26.42 5.74
CA THR A 138 -3.63 -25.48 5.21
C THR A 138 -3.25 -25.90 3.81
N PRO A 139 -3.43 -25.03 2.83
CA PRO A 139 -3.09 -25.33 1.46
C PRO A 139 -1.60 -25.43 1.36
N ASP A 140 -1.14 -26.30 0.47
CA ASP A 140 0.24 -26.45 0.16
C ASP A 140 0.81 -25.18 -0.46
N ASN A 141 2.13 -25.04 -0.34
CA ASN A 141 2.82 -23.94 -1.00
C ASN A 141 2.63 -24.01 -2.54
N GLY A 142 2.88 -22.91 -3.24
CA GLY A 142 2.88 -22.90 -4.70
C GLY A 142 1.60 -22.39 -5.33
N ARG A 143 0.60 -21.97 -4.56
CA ARG A 143 -0.64 -21.43 -5.17
C ARG A 143 -0.55 -19.95 -5.56
N LEU A 144 0.45 -19.23 -5.03
CA LEU A 144 0.50 -17.79 -5.26
C LEU A 144 1.27 -17.57 -6.54
N PRO A 145 1.09 -16.37 -7.17
CA PRO A 145 1.57 -16.32 -8.56
C PRO A 145 3.04 -15.99 -8.65
N ASP A 146 3.62 -16.37 -9.78
CA ASP A 146 5.04 -16.16 -10.02
C ASP A 146 5.20 -14.80 -10.70
N ALA A 147 6.20 -14.03 -10.31
CA ALA A 147 6.44 -12.73 -10.93
C ALA A 147 7.07 -12.73 -12.31
N ASP A 148 7.85 -13.76 -12.62
CA ASP A 148 8.67 -13.83 -13.82
C ASP A 148 7.85 -14.44 -14.95
N LYS A 149 6.75 -13.81 -15.29
CA LYS A 149 5.75 -14.38 -16.20
C LYS A 149 5.15 -13.31 -17.12
N ASP A 150 4.27 -13.71 -18.03
CA ASP A 150 3.77 -12.84 -19.08
C ASP A 150 2.29 -12.70 -18.91
N ALA A 151 1.65 -12.02 -19.85
CA ALA A 151 0.23 -11.70 -19.69
C ALA A 151 -0.69 -12.91 -19.72
N ASP A 152 -0.38 -13.89 -20.57
CA ASP A 152 -1.15 -15.12 -20.62
C ASP A 152 -1.14 -15.87 -19.29
N TYR A 153 0.01 -15.93 -18.63
CA TYR A 153 0.06 -16.49 -17.26
C TYR A 153 -0.81 -15.70 -16.27
N VAL A 154 -0.68 -14.38 -16.30
CA VAL A 154 -1.46 -13.55 -15.42
C VAL A 154 -2.96 -13.80 -15.56
N ARG A 155 -3.45 -13.77 -16.79
CA ARG A 155 -4.89 -13.91 -17.08
C ARG A 155 -5.36 -15.28 -16.63
N THR A 156 -4.68 -16.34 -17.01
CA THR A 156 -5.09 -17.68 -16.60
C THR A 156 -4.88 -17.89 -15.06
N PHE A 157 -3.81 -17.34 -14.49
CA PHE A 157 -3.68 -17.46 -13.04
C PHE A 157 -4.94 -16.93 -12.30
N PHE A 158 -5.35 -15.70 -12.65
CA PHE A 158 -6.43 -15.03 -11.97
C PHE A 158 -7.82 -15.63 -12.20
N GLN A 159 -7.98 -16.39 -13.26
CA GLN A 159 -9.22 -17.12 -13.44
C GLN A 159 -9.47 -18.09 -12.31
N ARG A 160 -8.42 -18.57 -11.69
CA ARG A 160 -8.57 -19.50 -10.57
C ARG A 160 -9.17 -18.79 -9.34
N LEU A 161 -9.04 -17.46 -9.28
CA LEU A 161 -9.66 -16.58 -8.24
C LEU A 161 -10.91 -15.86 -8.76
N ASN A 162 -11.46 -16.36 -9.86
CA ASN A 162 -12.66 -15.76 -10.43
C ASN A 162 -12.52 -14.32 -10.82
N MET A 163 -11.32 -13.91 -11.24
CA MET A 163 -11.14 -12.52 -11.58
C MET A 163 -10.97 -12.41 -13.09
N ASN A 164 -11.66 -11.42 -13.61
CA ASN A 164 -11.58 -11.08 -15.00
C ASN A 164 -10.57 -9.97 -15.26
N ASP A 165 -10.43 -9.59 -16.53
CA ASP A 165 -9.44 -8.59 -16.96
C ASP A 165 -9.48 -7.30 -16.18
N ARG A 166 -10.68 -6.73 -15.92
CA ARG A 166 -10.74 -5.49 -15.19
C ARG A 166 -10.34 -5.71 -13.75
N GLU A 167 -10.87 -6.77 -13.13
CA GLU A 167 -10.48 -7.09 -11.78
C GLU A 167 -8.95 -7.24 -11.59
N VAL A 168 -8.30 -7.85 -12.56
CA VAL A 168 -6.88 -8.13 -12.46
C VAL A 168 -6.11 -6.85 -12.56
N VAL A 169 -6.44 -6.02 -13.56
CA VAL A 169 -5.69 -4.78 -13.73
C VAL A 169 -5.89 -3.87 -12.54
N ALA A 170 -7.12 -3.82 -12.04
CA ALA A 170 -7.43 -3.04 -10.86
C ALA A 170 -6.63 -3.51 -9.65
N LEU A 171 -6.67 -4.80 -9.38
CA LEU A 171 -6.03 -5.34 -8.17
C LEU A 171 -4.51 -5.07 -8.22
N MET A 172 -3.89 -5.15 -9.40
CA MET A 172 -2.48 -4.97 -9.56
C MET A 172 -2.02 -3.57 -9.21
N GLY A 173 -2.95 -2.64 -9.21
CA GLY A 173 -2.64 -1.27 -8.87
C GLY A 173 -2.24 -1.05 -7.44
N ALA A 174 -2.45 -2.06 -6.60
CA ALA A 174 -1.91 -2.06 -5.26
C ALA A 174 -0.37 -2.01 -5.24
N HIS A 175 0.26 -2.29 -6.39
CA HIS A 175 1.68 -2.11 -6.53
C HIS A 175 2.14 -0.64 -6.48
N ALA A 176 1.21 0.33 -6.43
CA ALA A 176 1.57 1.69 -6.02
C ALA A 176 2.22 1.66 -4.63
N LEU A 177 1.93 0.63 -3.84
CA LEU A 177 2.35 0.54 -2.45
C LEU A 177 3.63 -0.23 -2.23
N GLY A 178 4.43 0.28 -1.31
CA GLY A 178 5.62 -0.42 -0.83
C GLY A 178 6.66 -0.68 -1.92
N LYS A 179 7.31 -1.84 -1.88
CA LYS A 179 8.42 -2.12 -2.79
C LYS A 179 8.72 -3.61 -2.84
N THR A 180 9.51 -4.02 -3.84
CA THR A 180 10.16 -5.30 -3.84
C THR A 180 11.48 -5.22 -3.03
N HIS A 181 11.76 -6.30 -2.29
CA HIS A 181 12.96 -6.38 -1.40
C HIS A 181 13.72 -7.63 -1.87
N LEU A 182 14.93 -7.43 -2.33
CA LEU A 182 15.71 -8.56 -2.91
C LEU A 182 15.74 -9.76 -1.95
N LYS A 183 15.93 -9.55 -0.67
CA LYS A 183 15.96 -10.70 0.26
C LYS A 183 14.64 -11.47 0.34
N ASN A 184 13.52 -10.83 0.07
CA ASN A 184 12.22 -11.56 0.09
C ASN A 184 11.87 -12.33 -1.15
N SER A 185 11.97 -11.63 -2.28
CA SER A 185 11.41 -12.11 -3.53
C SER A 185 12.45 -12.17 -4.65
N GLY A 186 13.67 -11.70 -4.38
CA GLY A 186 14.71 -11.66 -5.41
C GLY A 186 14.45 -10.58 -6.47
N TYR A 187 13.62 -9.62 -6.09
CA TYR A 187 13.42 -8.37 -6.89
C TYR A 187 13.65 -7.21 -5.97
N GLU A 188 14.16 -6.11 -6.50
CA GLU A 188 14.52 -4.97 -5.69
C GLU A 188 14.04 -3.66 -6.27
N GLY A 189 13.26 -2.91 -5.48
CA GLY A 189 12.95 -1.55 -5.86
C GLY A 189 11.46 -1.26 -5.74
N PRO A 190 11.09 0.05 -5.69
CA PRO A 190 9.69 0.48 -5.65
C PRO A 190 9.08 0.67 -7.03
N TRP A 191 7.74 0.63 -7.12
CA TRP A 191 7.04 0.93 -8.35
C TRP A 191 6.82 2.47 -8.57
N GLY A 192 6.94 3.24 -7.50
CA GLY A 192 6.75 4.66 -7.55
C GLY A 192 7.39 5.37 -6.37
N ALA A 193 7.14 6.67 -6.32
CA ALA A 193 7.64 7.59 -5.30
C ALA A 193 6.78 7.61 -4.01
N ALA A 194 5.47 7.64 -4.16
CA ALA A 194 4.57 7.83 -3.02
C ALA A 194 4.09 6.46 -2.52
N ASN A 195 5.08 5.77 -1.99
CA ASN A 195 5.06 4.45 -1.40
C ASN A 195 4.00 4.06 -0.41
N ASN A 196 3.47 5.02 0.35
CA ASN A 196 2.44 4.72 1.33
C ASN A 196 1.15 5.55 1.23
N VAL A 197 0.86 6.00 0.01
CA VAL A 197 -0.38 6.68 -0.27
C VAL A 197 -0.96 5.92 -1.47
N PHE A 198 -2.24 5.58 -1.35
CA PHE A 198 -2.90 4.76 -2.36
C PHE A 198 -3.39 5.69 -3.44
N THR A 199 -2.75 5.58 -4.60
CA THR A 199 -3.14 6.40 -5.78
C THR A 199 -3.00 5.54 -7.00
N ASN A 200 -3.32 6.11 -8.16
CA ASN A 200 -3.12 5.39 -9.45
C ASN A 200 -1.71 5.53 -10.06
N GLU A 201 -0.75 5.92 -9.24
CA GLU A 201 0.60 6.10 -9.71
C GLU A 201 1.19 4.85 -10.44
N PHE A 202 0.78 3.63 -10.08
CA PHE A 202 1.33 2.45 -10.74
C PHE A 202 1.09 2.45 -12.27
N TYR A 203 -0.13 2.79 -12.65
CA TYR A 203 -0.57 2.91 -14.05
C TYR A 203 0.10 4.09 -14.78
N LEU A 204 0.22 5.23 -14.10
CA LEU A 204 0.88 6.38 -14.70
C LEU A 204 2.38 6.07 -14.91
N ASN A 205 3.05 5.44 -13.93
CA ASN A 205 4.47 5.06 -14.15
C ASN A 205 4.65 4.00 -15.26
N LEU A 206 3.76 3.02 -15.31
CA LEU A 206 3.91 1.97 -16.27
C LEU A 206 3.86 2.58 -17.68
N LEU A 207 2.95 3.52 -17.91
CA LEU A 207 2.82 4.17 -19.20
C LEU A 207 3.86 5.20 -19.49
N ASN A 208 4.31 5.92 -18.48
CA ASN A 208 5.12 7.12 -18.73
C ASN A 208 6.62 7.00 -18.48
N GLU A 209 7.09 6.01 -17.74
CA GLU A 209 8.53 5.90 -17.55
C GLU A 209 9.17 5.19 -18.70
N ASP A 210 10.47 5.39 -18.88
CA ASP A 210 11.26 4.57 -19.79
C ASP A 210 11.68 3.35 -19.03
N TRP A 211 11.23 2.20 -19.47
CA TRP A 211 11.53 0.97 -18.79
C TRP A 211 12.61 0.30 -19.57
N LYS A 212 13.67 -0.13 -18.91
CA LYS A 212 14.68 -0.95 -19.54
C LYS A 212 14.81 -2.30 -18.85
N LEU A 213 14.88 -3.37 -19.64
CA LEU A 213 14.97 -4.72 -19.07
C LEU A 213 16.39 -5.01 -18.55
N GLU A 214 16.53 -5.27 -17.27
CA GLU A 214 17.86 -5.45 -16.65
C GLU A 214 17.87 -6.64 -15.69
N LYS A 215 19.06 -7.20 -15.48
CA LYS A 215 19.24 -8.24 -14.48
C LYS A 215 19.54 -7.56 -13.18
N ASN A 216 18.86 -7.93 -12.09
CA ASN A 216 19.18 -7.37 -10.77
C ASN A 216 20.30 -8.18 -10.07
N ASP A 217 20.65 -7.88 -8.81
CA ASP A 217 21.69 -8.61 -8.07
C ASP A 217 21.37 -10.06 -7.73
N ALA A 218 20.09 -10.49 -7.85
CA ALA A 218 19.73 -11.92 -7.75
C ALA A 218 19.63 -12.61 -9.12
N ASN A 219 20.00 -11.91 -10.18
CA ASN A 219 20.02 -12.43 -11.50
C ASN A 219 18.64 -12.64 -12.10
N ASN A 220 17.60 -12.17 -11.42
CA ASN A 220 16.31 -12.05 -12.11
C ASN A 220 16.27 -10.80 -12.94
N GLU A 221 15.43 -10.85 -13.96
CA GLU A 221 15.23 -9.73 -14.85
C GLU A 221 14.02 -8.92 -14.41
N GLN A 222 14.22 -7.63 -14.36
CA GLN A 222 13.15 -6.70 -14.07
C GLN A 222 13.27 -5.47 -14.96
N TRP A 223 12.16 -4.75 -15.07
CA TRP A 223 12.08 -3.59 -15.89
C TRP A 223 12.39 -2.38 -15.01
N ASP A 224 13.43 -1.61 -15.38
CA ASP A 224 13.92 -0.51 -14.52
C ASP A 224 13.82 0.87 -15.21
N SER A 225 13.57 1.92 -14.41
CA SER A 225 13.60 3.29 -14.90
C SER A 225 14.80 4.03 -14.28
N LYS A 226 15.33 5.03 -14.99
CA LYS A 226 16.47 5.84 -14.52
C LYS A 226 16.02 6.56 -13.27
N SER A 227 14.74 6.85 -13.23
CA SER A 227 14.07 7.27 -12.02
C SER A 227 14.20 6.43 -10.75
N GLY A 228 14.72 5.19 -10.85
CA GLY A 228 14.87 4.35 -9.65
C GLY A 228 13.62 3.53 -9.33
N TYR A 229 12.65 3.49 -10.23
CA TYR A 229 11.46 2.58 -10.06
C TYR A 229 11.64 1.29 -10.87
N MET A 230 10.80 0.32 -10.59
CA MET A 230 10.84 -0.96 -11.26
C MET A 230 9.44 -1.44 -11.50
N MET A 231 9.36 -2.40 -12.44
CA MET A 231 8.16 -3.19 -12.73
C MET A 231 8.54 -4.66 -12.83
N LEU A 232 7.79 -5.52 -12.18
CA LEU A 232 8.00 -6.93 -12.35
C LEU A 232 7.60 -7.30 -13.79
N PRO A 233 8.05 -8.47 -14.31
CA PRO A 233 7.53 -8.91 -15.63
C PRO A 233 6.00 -9.07 -15.70
N THR A 234 5.37 -9.50 -14.61
CA THR A 234 3.91 -9.56 -14.60
C THR A 234 3.26 -8.14 -14.68
N ASP A 235 3.90 -7.12 -14.10
CA ASP A 235 3.41 -5.73 -14.17
C ASP A 235 3.55 -5.28 -15.62
N TYR A 236 4.76 -5.32 -16.15
CA TYR A 236 4.99 -4.90 -17.56
C TYR A 236 4.12 -5.62 -18.56
N SER A 237 3.71 -6.84 -18.21
CA SER A 237 2.71 -7.57 -19.00
C SER A 237 1.40 -6.84 -19.25
N LEU A 238 0.98 -6.01 -18.30
CA LEU A 238 -0.24 -5.24 -18.48
C LEU A 238 -0.16 -4.22 -19.59
N ILE A 239 1.06 -3.85 -20.03
CA ILE A 239 1.14 -3.04 -21.22
C ILE A 239 1.56 -3.74 -22.51
N GLN A 240 1.97 -5.00 -22.46
CA GLN A 240 2.25 -5.78 -23.63
C GLN A 240 0.96 -6.38 -24.15
N ASP A 241 0.02 -6.66 -23.26
CA ASP A 241 -1.28 -7.19 -23.71
C ASP A 241 -2.29 -6.09 -24.10
N PRO A 242 -2.92 -6.18 -25.30
CA PRO A 242 -3.83 -5.11 -25.79
C PRO A 242 -4.98 -4.82 -24.84
N LYS A 243 -5.57 -5.87 -24.29
CA LYS A 243 -6.78 -5.68 -23.55
C LYS A 243 -6.43 -5.19 -22.20
N TYR A 244 -5.33 -5.70 -21.62
CA TYR A 244 -4.80 -5.12 -20.42
C TYR A 244 -4.43 -3.60 -20.55
N LEU A 245 -3.79 -3.23 -21.65
CA LEU A 245 -3.30 -1.88 -21.82
C LEU A 245 -4.46 -0.86 -21.91
N SER A 246 -5.55 -1.24 -22.56
CA SER A 246 -6.71 -0.39 -22.56
C SER A 246 -7.15 -0.03 -21.13
N ILE A 247 -7.13 -0.99 -20.22
CA ILE A 247 -7.56 -0.76 -18.87
C ILE A 247 -6.51 0.04 -18.07
N VAL A 248 -5.21 -0.27 -18.23
CA VAL A 248 -4.14 0.55 -17.64
C VAL A 248 -4.37 2.05 -18.00
N LYS A 249 -4.58 2.36 -19.30
CA LYS A 249 -4.84 3.74 -19.77
C LYS A 249 -6.06 4.35 -19.11
N GLU A 250 -7.10 3.56 -18.90
CA GLU A 250 -8.32 4.05 -18.28
C GLU A 250 -8.03 4.48 -16.82
N TYR A 251 -7.40 3.58 -16.07
CA TYR A 251 -7.04 3.86 -14.70
C TYR A 251 -6.04 4.97 -14.55
N ALA A 252 -5.12 5.09 -15.49
CA ALA A 252 -4.13 6.16 -15.46
C ALA A 252 -4.84 7.51 -15.65
N ASN A 253 -5.86 7.53 -16.48
CA ASN A 253 -6.64 8.74 -16.76
C ASN A 253 -7.71 9.04 -15.68
N ASP A 254 -8.07 8.08 -14.82
CA ASP A 254 -9.25 8.24 -13.96
C ASP A 254 -9.09 7.45 -12.66
N GLN A 255 -8.50 8.09 -11.68
CA GLN A 255 -8.27 7.49 -10.39
C GLN A 255 -9.56 7.10 -9.69
N ASP A 256 -10.64 7.86 -9.89
CA ASP A 256 -11.91 7.57 -9.20
C ASP A 256 -12.46 6.24 -9.67
N LYS A 257 -12.47 6.04 -10.96
CA LYS A 257 -12.78 4.76 -11.55
C LYS A 257 -11.88 3.65 -11.02
N PHE A 258 -10.55 3.88 -10.97
CA PHE A 258 -9.62 2.86 -10.44
C PHE A 258 -10.05 2.50 -9.04
N PHE A 259 -10.39 3.50 -8.24
CA PHE A 259 -10.67 3.29 -6.83
C PHE A 259 -11.90 2.46 -6.70
N LYS A 260 -12.92 2.80 -7.47
CA LYS A 260 -14.18 2.01 -7.46
C LYS A 260 -14.02 0.56 -7.79
N ASP A 261 -13.33 0.30 -8.90
CA ASP A 261 -13.07 -1.06 -9.37
C ASP A 261 -12.19 -1.79 -8.38
N PHE A 262 -11.15 -1.13 -7.85
CA PHE A 262 -10.30 -1.80 -6.84
C PHE A 262 -11.11 -2.24 -5.63
N SER A 263 -11.97 -1.35 -5.17
CA SER A 263 -12.68 -1.58 -3.95
C SER A 263 -13.51 -2.88 -4.09
N LYS A 264 -14.19 -3.00 -5.22
CA LYS A 264 -14.98 -4.20 -5.51
C LYS A 264 -14.18 -5.48 -5.60
N ALA A 265 -13.16 -5.42 -6.44
CA ALA A 265 -12.30 -6.57 -6.65
C ALA A 265 -11.63 -7.00 -5.36
N PHE A 266 -11.17 -6.07 -4.55
CA PHE A 266 -10.42 -6.46 -3.34
C PHE A 266 -11.39 -7.05 -2.30
N GLU A 267 -12.58 -6.48 -2.18
CA GLU A 267 -13.60 -7.15 -1.33
C GLU A 267 -13.85 -8.56 -1.85
N LYS A 268 -14.05 -8.67 -3.15
CA LYS A 268 -14.40 -9.94 -3.69
C LYS A 268 -13.25 -10.92 -3.42
N LEU A 269 -12.04 -10.49 -3.68
CA LEU A 269 -10.87 -11.25 -3.30
C LEU A 269 -10.91 -11.73 -1.84
N LEU A 270 -11.18 -10.80 -0.91
CA LEU A 270 -11.13 -11.16 0.48
C LEU A 270 -12.30 -12.05 0.89
N GLU A 271 -13.34 -12.12 0.05
CA GLU A 271 -14.54 -12.94 0.33
C GLU A 271 -14.68 -14.21 -0.49
N ASN A 272 -13.81 -14.45 -1.47
CA ASN A 272 -13.87 -15.68 -2.22
C ASN A 272 -13.90 -16.92 -1.34
N GLY A 273 -14.77 -17.85 -1.71
CA GLY A 273 -14.88 -19.13 -1.06
C GLY A 273 -15.76 -19.17 0.17
N ILE A 274 -16.34 -18.03 0.52
CA ILE A 274 -17.10 -17.96 1.74
C ILE A 274 -18.58 -17.88 1.39
N THR A 275 -19.42 -18.72 2.03
CA THR A 275 -20.84 -18.55 1.82
C THR A 275 -21.43 -17.71 2.94
N PHE A 276 -22.07 -16.61 2.60
CA PHE A 276 -22.70 -15.74 3.59
C PHE A 276 -24.20 -16.08 3.63
N PRO A 277 -24.75 -16.47 4.78
CA PRO A 277 -26.21 -16.68 4.87
C PRO A 277 -26.98 -15.45 4.38
N LYS A 278 -28.19 -15.63 3.84
CA LYS A 278 -28.96 -14.48 3.38
C LYS A 278 -29.25 -13.57 4.59
N ASP A 279 -29.55 -14.23 5.72
CA ASP A 279 -29.54 -13.62 7.07
C ASP A 279 -28.43 -12.61 7.33
N ALA A 280 -27.22 -12.93 6.90
CA ALA A 280 -26.01 -12.19 7.35
C ALA A 280 -26.15 -10.70 7.31
N PRO A 281 -25.47 -9.97 8.21
CA PRO A 281 -25.47 -8.51 8.08
C PRO A 281 -24.87 -8.03 6.75
N SER A 282 -25.25 -6.85 6.35
CA SER A 282 -24.74 -6.23 5.17
C SER A 282 -23.26 -5.80 5.37
N PRO A 283 -22.48 -5.61 4.28
CA PRO A 283 -21.08 -5.27 4.48
C PRO A 283 -20.87 -4.04 5.37
N PHE A 284 -19.81 -4.03 6.18
CA PHE A 284 -19.49 -2.90 7.05
C PHE A 284 -18.55 -1.96 6.28
N ILE A 285 -18.77 -0.67 6.37
CA ILE A 285 -17.85 0.30 5.81
C ILE A 285 -17.34 1.10 7.01
N PHE A 286 -16.06 0.91 7.34
CA PHE A 286 -15.46 1.56 8.50
C PHE A 286 -15.01 3.00 8.23
N LYS A 287 -15.11 3.81 9.28
CA LYS A 287 -14.64 5.19 9.28
C LYS A 287 -13.14 5.21 9.45
N THR A 288 -12.46 6.12 8.77
CA THR A 288 -11.02 6.28 8.94
C THR A 288 -10.74 7.01 10.23
N LEU A 289 -9.47 7.05 10.63
CA LEU A 289 -9.16 7.71 11.89
C LEU A 289 -9.47 9.19 11.69
N GLU A 290 -9.01 9.71 10.56
CA GLU A 290 -9.33 11.09 10.20
C GLU A 290 -10.81 11.38 10.34
N GLU A 291 -11.67 10.57 9.74
CA GLU A 291 -13.13 10.86 9.77
C GLU A 291 -13.70 10.86 11.18
N GLN A 292 -13.12 10.07 12.08
CA GLN A 292 -13.53 10.02 13.49
C GLN A 292 -12.87 11.13 14.33
N GLY A 293 -11.99 11.92 13.71
CA GLY A 293 -11.17 12.92 14.38
C GLY A 293 -10.19 12.31 15.36
N LEU A 294 -9.70 11.10 15.08
CA LEU A 294 -8.73 10.44 15.94
C LEU A 294 -7.35 10.50 15.32
N GLY B 1 17.27 20.26 16.73
CA GLY B 1 16.95 18.92 16.19
C GLY B 1 18.23 18.21 15.85
N ASP B 2 18.12 16.94 15.52
CA ASP B 2 19.26 16.12 15.23
C ASP B 2 19.50 16.12 13.70
N VAL B 3 20.45 16.94 13.25
CA VAL B 3 20.78 17.01 11.81
C VAL B 3 20.99 15.62 11.15
N GLU B 4 21.81 14.79 11.78
CA GLU B 4 22.18 13.47 11.22
C GLU B 4 20.94 12.59 11.13
N LYS B 5 20.07 12.69 12.12
CA LYS B 5 18.79 11.97 12.09
C LYS B 5 17.85 12.48 11.01
N GLY B 6 17.80 13.80 10.88
CA GLY B 6 16.91 14.46 9.91
C GLY B 6 17.25 14.08 8.49
N LYS B 7 18.53 13.96 8.22
CA LYS B 7 19.02 13.58 6.93
C LYS B 7 18.52 12.19 6.48
N LYS B 8 18.50 11.24 7.39
CA LYS B 8 18.02 9.87 7.09
C LYS B 8 16.53 9.92 6.79
N ILE B 9 15.80 10.74 7.55
CA ILE B 9 14.39 10.93 7.31
C ILE B 9 14.20 11.46 5.91
N PHE B 10 15.03 12.44 5.56
CA PHE B 10 14.96 13.07 4.27
C PHE B 10 15.30 12.09 3.19
N VAL B 11 16.45 11.41 3.33
CA VAL B 11 16.89 10.45 2.35
C VAL B 11 15.75 9.47 2.07
N GLN B 12 15.01 9.06 3.10
CA GLN B 12 14.00 8.03 2.92
C GLN B 12 12.61 8.51 2.59
N ARG B 13 12.25 9.70 3.05
CA ARG B 13 10.86 10.18 2.87
C ARG B 13 10.67 11.29 1.83
N CYS B 14 11.76 11.98 1.46
CA CYS B 14 11.70 13.15 0.58
C CYS B 14 12.56 13.08 -0.68
N ALA B 15 13.71 12.42 -0.61
CA ALA B 15 14.72 12.51 -1.63
C ALA B 15 14.26 11.99 -3.00
N GLN B 16 13.27 11.10 -3.05
CA GLN B 16 12.77 10.64 -4.36
C GLN B 16 12.10 11.73 -5.22
N CYS B 17 11.62 12.78 -4.56
CA CYS B 17 10.98 13.89 -5.23
C CYS B 17 11.76 15.18 -5.10
N HIS B 18 12.62 15.34 -4.10
CA HIS B 18 13.37 16.62 -3.85
C HIS B 18 14.91 16.56 -3.76
N THR B 19 15.59 17.56 -4.34
CA THR B 19 17.03 17.74 -4.22
C THR B 19 17.21 18.93 -3.29
N VAL B 20 18.38 19.05 -2.66
CA VAL B 20 18.61 20.09 -1.66
C VAL B 20 19.75 21.01 -2.03
N GLU B 21 20.60 20.57 -2.90
CA GLU B 21 21.81 21.31 -3.16
C GLU B 21 21.56 22.45 -4.15
N LYS B 22 22.39 23.48 -4.07
CA LYS B 22 22.30 24.58 -4.99
C LYS B 22 22.53 24.05 -6.37
N GLY B 23 21.69 24.46 -7.32
CA GLY B 23 21.81 23.97 -8.72
C GLY B 23 21.25 22.56 -8.94
N GLY B 24 20.57 22.02 -7.92
CA GLY B 24 20.05 20.66 -8.00
C GLY B 24 18.85 20.61 -8.90
N LYS B 25 18.56 19.42 -9.43
CA LYS B 25 17.40 19.24 -10.34
C LYS B 25 16.07 19.52 -9.67
N ASN B 26 15.14 20.05 -10.44
CA ASN B 26 13.74 20.00 -10.10
C ASN B 26 13.26 18.65 -10.60
N LYS B 27 12.69 17.82 -9.72
CA LYS B 27 12.23 16.46 -10.10
C LYS B 27 10.69 16.40 -10.05
N THR B 28 10.09 15.36 -9.48
CA THR B 28 8.66 15.45 -9.18
C THR B 28 8.34 16.70 -8.35
N GLY B 29 9.19 16.98 -7.37
CA GLY B 29 9.01 18.16 -6.57
C GLY B 29 10.12 19.17 -6.85
N PRO B 30 10.00 20.41 -6.36
CA PRO B 30 11.00 21.46 -6.57
C PRO B 30 12.27 21.29 -5.78
N ASN B 31 13.40 21.76 -6.32
CA ASN B 31 14.62 21.83 -5.55
C ASN B 31 14.34 22.74 -4.35
N LEU B 32 14.94 22.39 -3.23
CA LEU B 32 14.70 23.06 -2.00
C LEU B 32 15.86 23.97 -1.53
N ASN B 33 16.86 24.18 -2.39
CA ASN B 33 17.97 25.01 -1.97
C ASN B 33 17.44 26.41 -1.79
N GLY B 34 17.82 27.04 -0.69
CA GLY B 34 17.41 28.44 -0.41
C GLY B 34 16.01 28.56 0.19
N LEU B 35 15.48 27.48 0.74
CA LEU B 35 14.11 27.42 1.19
C LEU B 35 13.81 28.32 2.41
N PHE B 36 14.71 28.36 3.39
CA PHE B 36 14.44 29.09 4.65
C PHE B 36 14.41 30.62 4.40
N GLY B 37 13.37 31.29 4.89
CA GLY B 37 13.28 32.76 4.77
C GLY B 37 12.71 33.20 3.42
N ARG B 38 12.50 32.28 2.49
CA ARG B 38 11.80 32.67 1.26
C ARG B 38 10.35 32.22 1.27
N LYS B 39 9.55 32.90 0.48
CA LYS B 39 8.14 32.55 0.36
C LYS B 39 7.99 31.23 -0.40
N THR B 40 6.88 30.59 -0.11
CA THR B 40 6.31 29.50 -0.92
C THR B 40 6.34 29.78 -2.43
N GLY B 41 6.58 28.75 -3.26
CA GLY B 41 6.38 28.87 -4.72
C GLY B 41 7.49 29.62 -5.43
N GLN B 42 8.70 29.57 -4.87
CA GLN B 42 9.80 30.36 -5.39
C GLN B 42 10.99 29.56 -5.91
N ALA B 43 10.91 28.24 -6.04
CA ALA B 43 12.07 27.54 -6.56
C ALA B 43 12.14 27.81 -8.05
N PRO B 44 13.29 28.29 -8.56
CA PRO B 44 13.35 28.64 -9.97
C PRO B 44 13.13 27.40 -10.85
N GLY B 45 12.37 27.55 -11.93
CA GLY B 45 12.20 26.47 -12.91
C GLY B 45 11.15 25.37 -12.60
N PHE B 46 10.49 25.46 -11.48
CA PHE B 46 9.45 24.49 -11.15
C PHE B 46 8.05 25.00 -11.43
N THR B 47 7.19 24.17 -12.07
CA THR B 47 5.78 24.50 -12.23
C THR B 47 4.95 24.02 -11.00
N TYR B 48 4.55 24.95 -10.13
CA TYR B 48 3.76 24.66 -8.92
C TYR B 48 2.26 24.70 -9.21
N THR B 49 1.44 24.04 -8.42
CA THR B 49 0.01 24.34 -8.44
C THR B 49 -0.19 25.78 -8.01
N ASP B 50 -1.34 26.34 -8.39
CA ASP B 50 -1.72 27.64 -7.87
C ASP B 50 -1.70 27.68 -6.34
N ALA B 51 -2.19 26.57 -5.76
CA ALA B 51 -2.32 26.45 -4.31
C ALA B 51 -0.95 26.58 -3.65
N ASN B 52 0.04 25.82 -4.08
CA ASN B 52 1.41 26.06 -3.58
C ASN B 52 1.96 27.45 -3.94
N LYS B 53 1.82 27.86 -5.20
CA LYS B 53 2.40 29.11 -5.67
C LYS B 53 2.02 30.33 -4.83
N ASN B 54 0.75 30.38 -4.40
CA ASN B 54 0.18 31.59 -3.85
C ASN B 54 -0.20 31.49 -2.42
N LYS B 55 0.30 30.47 -1.75
CA LYS B 55 0.07 30.30 -0.33
C LYS B 55 0.50 31.51 0.48
N GLY B 56 1.54 32.22 0.05
CA GLY B 56 1.95 33.46 0.74
C GLY B 56 2.50 33.33 2.17
N ILE B 57 3.12 32.20 2.46
CA ILE B 57 3.82 32.07 3.73
C ILE B 57 5.32 32.03 3.49
N THR B 58 6.08 32.29 4.53
CA THR B 58 7.52 32.18 4.48
C THR B 58 7.93 30.91 5.16
N TRP B 59 8.79 30.11 4.51
CA TRP B 59 9.25 28.81 5.05
C TRP B 59 10.32 29.01 6.14
N LYS B 60 10.16 28.35 7.29
CA LYS B 60 11.06 28.40 8.44
C LYS B 60 10.59 27.36 9.46
N GLU B 61 11.24 27.27 10.64
CA GLU B 61 10.94 26.17 11.54
C GLU B 61 9.41 26.05 11.76
N GLU B 62 8.75 27.18 12.05
CA GLU B 62 7.35 27.17 12.45
C GLU B 62 6.43 26.70 11.34
N THR B 63 6.64 27.24 10.17
CA THR B 63 5.74 26.91 9.10
C THR B 63 5.94 25.47 8.54
N LEU B 64 7.16 24.93 8.60
CA LEU B 64 7.42 23.59 8.09
C LEU B 64 6.95 22.56 9.12
N MET B 65 7.15 22.90 10.39
CA MET B 65 6.59 22.06 11.46
C MET B 65 5.12 21.80 11.19
N GLU B 66 4.34 22.83 10.84
CA GLU B 66 2.92 22.62 10.52
C GLU B 66 2.67 21.91 9.17
N TYR B 67 3.37 22.32 8.14
CA TYR B 67 3.10 21.79 6.80
C TYR B 67 3.41 20.28 6.73
N LEU B 68 4.55 19.90 7.30
CA LEU B 68 5.02 18.55 7.14
C LEU B 68 4.21 17.54 7.94
N GLU B 69 3.46 18.02 8.94
CA GLU B 69 2.50 17.21 9.70
C GLU B 69 1.37 16.71 8.79
N ASN B 70 0.93 17.58 7.90
CA ASN B 70 -0.12 17.24 6.95
C ASN B 70 -0.11 18.26 5.82
N PRO B 71 0.65 17.97 4.74
CA PRO B 71 0.81 18.94 3.69
C PRO B 71 -0.47 19.48 3.13
N LYS B 72 -1.40 18.60 2.76
CA LYS B 72 -2.62 19.02 2.08
C LYS B 72 -3.59 19.85 2.94
N LYS B 73 -3.61 19.61 4.25
CA LYS B 73 -4.38 20.44 5.13
C LYS B 73 -3.83 21.88 5.22
N TYR B 74 -2.51 22.05 5.17
CA TYR B 74 -1.92 23.38 5.20
C TYR B 74 -2.01 24.05 3.83
N ILE B 75 -1.86 23.27 2.75
CA ILE B 75 -1.97 23.78 1.38
C ILE B 75 -2.92 22.87 0.62
N PRO B 76 -4.23 23.06 0.84
CA PRO B 76 -5.24 22.32 0.06
C PRO B 76 -5.00 22.33 -1.44
N GLY B 77 -5.07 21.19 -2.10
CA GLY B 77 -4.87 21.18 -3.55
C GLY B 77 -3.42 21.00 -4.00
N THR B 78 -2.47 20.98 -3.05
CA THR B 78 -1.07 20.66 -3.36
C THR B 78 -0.94 19.40 -4.20
N LYS B 79 0.05 19.33 -5.06
CA LYS B 79 0.29 18.07 -5.79
C LYS B 79 1.44 17.27 -5.18
N MET B 80 1.90 17.62 -3.98
CA MET B 80 2.91 16.81 -3.28
C MET B 80 2.16 15.64 -2.68
N ILE B 81 2.36 14.41 -3.16
CA ILE B 81 1.72 13.22 -2.59
C ILE B 81 2.57 12.73 -1.38
N PHE B 82 2.16 13.16 -0.20
CA PHE B 82 2.91 12.85 1.01
C PHE B 82 1.92 13.05 2.17
N ALA B 83 1.58 11.96 2.84
CA ALA B 83 0.56 11.96 3.90
C ALA B 83 0.91 12.86 5.12
N GLY B 84 2.13 12.77 5.62
CA GLY B 84 2.55 13.69 6.68
C GLY B 84 3.31 13.02 7.77
N ILE B 85 4.30 13.71 8.33
CA ILE B 85 5.01 13.19 9.47
C ILE B 85 4.24 13.54 10.75
N LYS B 86 3.65 12.53 11.40
CA LYS B 86 2.92 12.77 12.66
C LYS B 86 3.76 13.02 13.91
N LYS B 87 4.94 12.45 14.04
CA LYS B 87 5.78 12.70 15.25
C LYS B 87 6.52 14.05 15.27
N LYS B 88 6.39 14.75 16.39
CA LYS B 88 7.01 16.06 16.56
C LYS B 88 8.55 15.97 16.45
N THR B 89 9.18 15.13 17.23
CA THR B 89 10.64 15.02 17.22
C THR B 89 11.26 14.71 15.78
N GLU B 90 10.53 13.95 15.00
CA GLU B 90 10.94 13.53 13.69
C GLU B 90 10.95 14.78 12.77
N ARG B 91 9.83 15.50 12.78
CA ARG B 91 9.79 16.81 12.12
C ARG B 91 10.94 17.70 12.59
N GLU B 92 11.24 17.71 13.88
CA GLU B 92 12.25 18.65 14.34
C GLU B 92 13.58 18.22 13.76
N ASP B 93 13.90 16.93 13.80
CA ASP B 93 15.16 16.46 13.28
C ASP B 93 15.29 16.77 11.77
N LEU B 94 14.20 16.54 11.01
CA LEU B 94 14.15 16.80 9.56
C LEU B 94 14.39 18.28 9.23
N ILE B 95 13.75 19.14 10.00
CA ILE B 95 13.86 20.59 9.84
C ILE B 95 15.27 21.10 10.10
N ALA B 96 15.97 20.58 11.12
CA ALA B 96 17.37 20.96 11.36
C ALA B 96 18.22 20.47 10.23
N TYR B 97 17.96 19.25 9.71
CA TYR B 97 18.70 18.78 8.51
C TYR B 97 18.46 19.80 7.38
N LEU B 98 17.21 20.14 7.14
CA LEU B 98 16.87 21.02 6.00
C LEU B 98 17.57 22.39 6.11
N LYS B 99 17.61 22.93 7.33
CA LYS B 99 18.11 24.26 7.55
C LYS B 99 19.59 24.26 7.18
N LYS B 100 20.29 23.19 7.50
CA LYS B 100 21.69 23.03 7.11
C LYS B 100 21.84 22.81 5.59
N ALA B 101 21.25 21.72 5.11
CA ALA B 101 21.46 21.21 3.75
C ALA B 101 20.91 22.11 2.61
N THR B 102 19.85 22.85 2.88
CA THR B 102 19.36 23.81 1.88
C THR B 102 20.07 25.18 1.91
N ASN B 103 21.16 25.30 2.67
CA ASN B 103 21.79 26.62 2.74
C ASN B 103 23.30 26.44 2.73
N GLU B 104 23.82 25.50 1.95
CA GLU B 104 25.26 25.44 1.71
C GLU B 104 25.57 25.31 0.21
CHA HEM C . 4.78 -6.72 -3.32
CHB HEM C . 4.44 -9.94 -6.93
CHC HEM C . -0.32 -9.12 -7.16
CHD HEM C . 0.02 -6.18 -3.38
C1A HEM C . 5.05 -7.71 -4.22
C2A HEM C . 6.31 -8.27 -4.42
C3A HEM C . 6.23 -9.15 -5.45
C4A HEM C . 4.90 -9.16 -5.89
CMA HEM C . 7.33 -10.03 -6.00
CAA HEM C . 7.54 -7.94 -3.61
CBA HEM C . 7.60 -8.78 -2.31
CGA HEM C . 8.88 -8.45 -1.55
O1A HEM C . 9.99 -8.51 -2.07
O2A HEM C . 8.90 -8.09 -0.35
C1B HEM C . 3.12 -9.99 -7.33
C2B HEM C . 2.65 -10.80 -8.39
C3B HEM C . 1.29 -10.58 -8.46
C4B HEM C . 0.98 -9.59 -7.41
CMB HEM C . 3.45 -11.72 -9.21
CAB HEM C . 0.27 -11.06 -9.40
CBB HEM C . 0.57 -11.54 -10.59
C1C HEM C . -0.67 -8.32 -6.09
C2C HEM C . -1.97 -8.07 -5.66
C3C HEM C . -1.89 -7.25 -4.56
C4C HEM C . -0.51 -6.99 -4.36
CMC HEM C . -3.22 -8.60 -6.34
CAC HEM C . -2.96 -6.58 -3.77
CBC HEM C . -4.18 -6.36 -4.22
C1D HEM C . 1.38 -6.07 -3.11
C2D HEM C . 1.91 -5.13 -2.10
C3D HEM C . 3.25 -5.28 -2.06
C4D HEM C . 3.51 -6.30 -3.10
CMD HEM C . 1.10 -4.16 -1.26
CAD HEM C . 4.28 -4.52 -1.20
CBD HEM C . 4.57 -5.14 0.14
CGD HEM C . 5.76 -4.51 0.83
O1D HEM C . 6.26 -5.24 1.74
O2D HEM C . 6.26 -3.40 0.52
NA HEM C . 4.17 -8.23 -5.17
NB HEM C . 2.10 -9.30 -6.80
NC HEM C . 0.20 -7.70 -5.28
ND HEM C . 2.37 -6.73 -3.72
FE HEM C . 2.24 -7.96 -5.21
UNK UNX D . 2.20 -9.82 -3.74
FE HEC E . 7.55 17.84 -1.23
CHA HEC E . 6.37 20.88 -2.34
CHB HEC E . 9.25 19.40 1.34
CHC HEC E . 8.17 14.78 0.23
CHD HEC E . 6.63 16.29 -4.21
NA HEC E . 7.74 19.82 -0.59
C1A HEC E . 7.21 20.91 -1.13
C2A HEC E . 7.57 22.16 -0.44
C3A HEC E . 8.42 21.70 0.67
C4A HEC E . 8.47 20.26 0.45
CMA HEC E . 9.10 22.52 1.73
CAA HEC E . 7.17 23.58 -0.75
CBA HEC E . 8.26 24.09 -1.67
CGA HEC E . 8.13 25.57 -2.03
O1A HEC E . 9.01 26.00 -2.81
O2A HEC E . 7.16 26.24 -1.53
NB HEC E . 8.51 17.19 0.51
C1B HEC E . 9.17 17.96 1.39
C2B HEC E . 9.81 17.27 2.51
C3B HEC E . 9.49 15.88 2.19
C4B HEC E . 8.67 15.95 0.96
CMB HEC E . 10.60 17.94 3.59
CAB HEC E . 9.82 14.71 3.00
CBB HEC E . 9.30 14.81 4.39
NC HEC E . 7.39 15.85 -1.89
C1C HEC E . 7.68 14.76 -1.17
C2C HEC E . 7.54 13.46 -1.87
C3C HEC E . 7.12 13.93 -3.21
C4C HEC E . 7.07 15.43 -3.11
CMC HEC E . 7.81 12.09 -1.32
CAC HEC E . 6.80 13.15 -4.41
CBC HEC E . 6.16 11.77 -4.31
ND HEC E . 6.63 18.46 -2.96
C1D HEC E . 6.36 17.75 -4.08
C2D HEC E . 5.70 18.49 -5.17
C3D HEC E . 5.63 19.84 -4.62
C4D HEC E . 6.26 19.71 -3.28
CMD HEC E . 5.18 18.02 -6.49
CAD HEC E . 4.95 21.01 -5.26
CBD HEC E . 3.47 20.92 -4.81
CGD HEC E . 2.53 21.89 -5.51
O1D HEC E . 1.28 21.86 -5.31
O2D HEC E . 3.02 22.64 -6.36
#